data_2DKB
#
_entry.id   2DKB
#
_cell.length_a   152.700
_cell.length_b   152.700
_cell.length_c   86.600
_cell.angle_alpha   90.00
_cell.angle_beta   90.00
_cell.angle_gamma   120.00
#
_symmetry.space_group_name_H-M   'P 64 2 2'
#
loop_
_entity.id
_entity.type
_entity.pdbx_description
1 polymer '2,2-DIALKYLGLYCINE DECARBOXYLASE (PYRUVATE)'
2 non-polymer 'SODIUM ION'
3 non-polymer "PYRIDOXAL-5'-PHOSPHATE"
4 non-polymer '2-(N-MORPHOLINO)-ETHANESULFONIC ACID'
5 water water
#
_entity_poly.entity_id   1
_entity_poly.type   'polypeptide(L)'
_entity_poly.pdbx_seq_one_letter_code
;MSLNDDATFWRNARHHLVRYGGTFEPMIIERAKGSFVYDADGRAILDFTSGQMSAVLGHCHPEIVSVIGEYAGKLDHLFS
EMLSRPVVDLATRLANITPPGLDRALLLSTGAESNEAAIRMAKLVTGKYEIVGFAQSWHGMTGAAASATYSAGRKGVGPA
AVGSFAIPAPFTYRPRFERNGAYDYLAELDYAFDLIDRQSSGNLAAFIAEPILSSGGIIELPDGYMAALKRKCEARGMLL
ILDEAQTGVGRTGTMFACQRDGVTPDILTLSKTLGAGLPLAAIVTSAAIEERAHELGYLFYTTHVSDPLPAAVGLRVLDV
VQRDGLVARANVMGDRLRRGLLDLMERFDCIGDVRGRGLLLGVEIVKDRRTKEPADGLGAKITRECMNLGLSMNIVQLPG
MGGVFRIAPPLTVSEDEIDLGLSLLGQAIERAL
;
_entity_poly.pdbx_strand_id   A
#
loop_
_chem_comp.id
_chem_comp.type
_chem_comp.name
_chem_comp.formula
MES non-polymer '2-(N-MORPHOLINO)-ETHANESULFONIC ACID' 'C6 H13 N O4 S'
NA non-polymer 'SODIUM ION' 'Na 1'
PLP non-polymer PYRIDOXAL-5'-PHOSPHATE 'C8 H10 N O6 P'
#
# COMPACT_ATOMS: atom_id res chain seq x y z
N LEU A 3 28.59 -10.84 15.19
CA LEU A 3 27.97 -11.76 14.25
C LEU A 3 26.48 -11.94 14.51
N ASN A 4 25.82 -12.21 13.43
CA ASN A 4 24.41 -12.42 13.45
C ASN A 4 24.09 -13.72 14.16
N ASP A 5 25.09 -14.59 14.23
CA ASP A 5 24.94 -15.89 14.84
C ASP A 5 25.18 -15.88 16.32
N ASP A 6 24.28 -15.20 16.99
CA ASP A 6 24.24 -15.06 18.44
C ASP A 6 23.26 -16.09 18.94
N ALA A 7 23.83 -17.01 19.71
CA ALA A 7 23.15 -18.14 20.30
C ALA A 7 21.96 -17.80 21.15
N THR A 8 22.17 -16.90 22.08
CA THR A 8 21.10 -16.51 22.96
C THR A 8 19.94 -15.87 22.20
N PHE A 9 20.30 -14.96 21.30
CA PHE A 9 19.33 -14.26 20.49
C PHE A 9 18.48 -15.29 19.80
N TRP A 10 19.12 -16.09 18.99
CA TRP A 10 18.33 -17.09 18.31
C TRP A 10 17.53 -18.06 19.20
N ARG A 11 18.05 -18.42 20.35
CA ARG A 11 17.36 -19.32 21.23
C ARG A 11 16.06 -18.66 21.70
N ASN A 12 16.24 -17.43 22.10
CA ASN A 12 15.14 -16.67 22.58
C ASN A 12 14.10 -16.50 21.50
N ALA A 13 14.56 -16.29 20.28
CA ALA A 13 13.64 -16.09 19.18
C ALA A 13 12.86 -17.35 18.90
N ARG A 14 13.52 -18.50 18.85
CA ARG A 14 12.75 -19.69 18.58
C ARG A 14 11.81 -20.06 19.71
N HIS A 15 12.20 -19.76 20.92
CA HIS A 15 11.34 -20.11 22.03
C HIS A 15 10.26 -19.11 22.35
N HIS A 16 10.44 -17.85 22.05
CA HIS A 16 9.43 -16.89 22.47
C HIS A 16 8.64 -16.10 21.45
N LEU A 17 8.79 -16.36 20.18
CA LEU A 17 8.02 -15.59 19.25
C LEU A 17 6.99 -16.41 18.56
N VAL A 18 5.86 -15.78 18.34
CA VAL A 18 4.80 -16.42 17.60
C VAL A 18 5.21 -16.29 16.13
N ARG A 19 5.06 -17.34 15.35
CA ARG A 19 5.43 -17.23 13.95
C ARG A 19 4.18 -16.73 13.23
N TYR A 20 4.31 -15.68 12.43
CA TYR A 20 3.14 -15.09 11.78
C TYR A 20 3.12 -15.06 10.31
N GLY A 21 3.92 -15.92 9.74
CA GLY A 21 4.00 -16.01 8.32
C GLY A 21 5.40 -15.77 7.88
N GLY A 22 5.72 -16.31 6.75
CA GLY A 22 7.04 -16.11 6.27
C GLY A 22 8.01 -16.91 7.09
N THR A 23 9.21 -16.38 7.13
CA THR A 23 10.30 -16.99 7.83
C THR A 23 11.33 -15.93 8.08
N PHE A 24 11.72 -15.83 9.33
CA PHE A 24 12.65 -14.83 9.77
C PHE A 24 13.96 -14.82 9.02
N GLU A 25 14.40 -13.62 8.66
CA GLU A 25 15.68 -13.47 7.97
C GLU A 25 16.70 -13.83 9.02
N PRO A 26 17.77 -14.45 8.62
CA PRO A 26 18.76 -14.84 9.61
C PRO A 26 19.81 -13.81 9.94
N MET A 27 19.41 -12.61 10.17
CA MET A 27 20.40 -11.63 10.53
C MET A 27 19.80 -10.96 11.74
N ILE A 28 20.57 -10.13 12.38
CA ILE A 28 20.10 -9.38 13.50
C ILE A 28 20.21 -7.92 13.07
N ILE A 29 19.10 -7.22 12.86
CA ILE A 29 19.21 -5.81 12.45
C ILE A 29 19.55 -4.98 13.66
N GLU A 30 20.63 -4.24 13.54
CA GLU A 30 21.05 -3.45 14.65
C GLU A 30 20.85 -1.96 14.52
N ARG A 31 20.87 -1.46 13.30
CA ARG A 31 20.75 -0.02 13.06
C ARG A 31 20.13 0.19 11.69
N ALA A 32 19.60 1.39 11.44
CA ALA A 32 18.98 1.71 10.15
C ALA A 32 19.24 3.18 9.82
N LYS A 33 19.49 3.50 8.56
CA LYS A 33 19.75 4.91 8.26
C LYS A 33 19.55 5.18 6.79
N GLY A 34 18.70 6.17 6.47
CA GLY A 34 18.48 6.45 5.07
C GLY A 34 17.91 5.21 4.38
N SER A 35 18.50 4.87 3.24
CA SER A 35 18.08 3.74 2.43
C SER A 35 18.64 2.38 2.85
N PHE A 36 19.33 2.32 4.00
CA PHE A 36 19.93 1.06 4.42
C PHE A 36 19.63 0.60 5.84
N VAL A 37 19.76 -0.70 6.05
CA VAL A 37 19.62 -1.31 7.37
C VAL A 37 20.97 -1.98 7.60
N TYR A 38 21.40 -2.18 8.84
CA TYR A 38 22.70 -2.80 9.05
C TYR A 38 22.63 -3.98 9.96
N ASP A 39 23.27 -5.10 9.58
CA ASP A 39 23.24 -6.26 10.45
C ASP A 39 24.20 -6.16 11.61
N ALA A 40 24.24 -7.22 12.37
CA ALA A 40 25.15 -7.22 13.50
C ALA A 40 26.61 -7.20 13.07
N ASP A 41 26.89 -7.55 11.83
CA ASP A 41 28.26 -7.50 11.38
C ASP A 41 28.50 -6.13 10.79
N GLY A 42 27.53 -5.24 10.85
CA GLY A 42 27.71 -3.90 10.31
C GLY A 42 27.54 -3.84 8.78
N ARG A 43 27.12 -4.94 8.20
CA ARG A 43 26.93 -5.02 6.76
C ARG A 43 25.77 -4.15 6.33
N ALA A 44 25.97 -3.32 5.34
CA ALA A 44 24.87 -2.47 4.90
C ALA A 44 23.97 -3.19 3.91
N ILE A 45 22.67 -3.13 4.18
CA ILE A 45 21.69 -3.74 3.31
C ILE A 45 20.75 -2.67 2.76
N LEU A 46 20.72 -2.53 1.45
CA LEU A 46 19.88 -1.54 0.79
C LEU A 46 18.40 -1.94 0.93
N ASP A 47 17.63 -1.11 1.63
CA ASP A 47 16.22 -1.33 1.90
C ASP A 47 15.34 -0.93 0.73
N PHE A 48 15.24 -1.81 -0.27
CA PHE A 48 14.45 -1.58 -1.47
C PHE A 48 12.94 -1.68 -1.31
N THR A 49 12.48 -1.83 -0.09
CA THR A 49 11.07 -1.91 0.16
C THR A 49 10.64 -0.89 1.21
N SER A 50 11.54 0.02 1.62
CA SER A 50 11.18 1.01 2.64
C SER A 50 10.56 0.35 3.85
N GLY A 51 11.18 -0.75 4.28
CA GLY A 51 10.69 -1.51 5.42
C GLY A 51 9.44 -2.27 4.94
N GLN A 52 8.34 -2.06 5.21
CA GLN A 52 7.13 -2.72 4.80
C GLN A 52 6.34 -1.65 4.05
N MET A 53 7.02 -1.20 3.21
CA MET A 53 6.47 -0.24 2.23
C MET A 53 5.96 1.02 2.90
N SER A 54 6.64 1.48 3.96
CA SER A 54 6.22 2.66 4.70
C SER A 54 7.20 3.82 4.85
N ALA A 55 8.48 3.50 5.05
CA ALA A 55 9.53 4.50 5.28
C ALA A 55 9.83 5.38 4.10
N VAL A 56 8.85 6.21 3.71
CA VAL A 56 8.98 7.10 2.57
C VAL A 56 10.15 8.05 2.66
N LEU A 57 10.52 8.42 3.89
CA LEU A 57 11.64 9.32 4.04
C LEU A 57 12.91 8.56 4.39
N GLY A 58 12.91 7.24 4.25
CA GLY A 58 14.09 6.46 4.61
C GLY A 58 14.13 6.25 6.11
N HIS A 59 15.09 5.49 6.62
CA HIS A 59 15.10 5.26 8.05
C HIS A 59 15.69 6.40 8.83
N CYS A 60 15.15 6.62 10.02
CA CYS A 60 15.65 7.64 10.93
C CYS A 60 15.98 8.99 10.32
N HIS A 61 15.06 9.59 9.62
CA HIS A 61 15.30 10.89 9.04
C HIS A 61 15.33 11.92 10.16
N PRO A 62 16.39 12.71 10.16
CA PRO A 62 16.65 13.73 11.15
C PRO A 62 15.46 14.62 11.50
N GLU A 63 14.63 14.96 10.51
CA GLU A 63 13.48 15.79 10.85
C GLU A 63 12.49 15.05 11.70
N ILE A 64 12.28 13.81 11.33
CA ILE A 64 11.37 12.98 12.06
C ILE A 64 11.89 12.75 13.45
N VAL A 65 13.17 12.46 13.48
CA VAL A 65 13.85 12.21 14.72
C VAL A 65 13.67 13.44 15.57
N SER A 66 13.88 14.61 14.94
CA SER A 66 13.73 15.87 15.65
C SER A 66 12.31 16.04 16.21
N VAL A 67 11.30 15.87 15.37
CA VAL A 67 9.93 16.03 15.85
C VAL A 67 9.49 15.02 16.91
N ILE A 68 9.90 13.75 16.77
CA ILE A 68 9.51 12.71 17.72
C ILE A 68 9.99 13.08 19.10
N GLY A 69 11.14 13.73 19.04
CA GLY A 69 11.85 14.24 20.19
C GLY A 69 11.09 15.37 20.85
N GLU A 70 10.81 16.49 20.12
CA GLU A 70 10.06 17.60 20.71
C GLU A 70 8.78 17.11 21.39
N TYR A 71 8.00 16.33 20.69
CA TYR A 71 6.76 15.86 21.26
C TYR A 71 6.78 14.85 22.35
N ALA A 72 7.69 13.89 22.24
CA ALA A 72 7.75 12.84 23.24
C ALA A 72 7.86 13.44 24.62
N GLY A 73 8.59 14.56 24.71
CA GLY A 73 8.75 15.20 26.01
C GLY A 73 7.75 16.30 26.32
N LYS A 74 6.89 16.67 25.40
CA LYS A 74 5.92 17.75 25.60
C LYS A 74 4.42 17.38 25.62
N LEU A 75 3.98 16.61 24.61
CA LEU A 75 2.58 16.22 24.46
C LEU A 75 2.58 14.84 23.87
N ASP A 76 2.11 13.85 24.59
CA ASP A 76 2.16 12.51 24.08
C ASP A 76 0.87 11.84 23.64
N HIS A 77 0.03 11.53 24.61
CA HIS A 77 -1.21 10.86 24.37
C HIS A 77 -2.30 11.52 25.20
N LEU A 78 -3.50 11.65 24.65
CA LEU A 78 -4.58 12.28 25.40
C LEU A 78 -5.91 11.57 25.30
N PHE A 79 -6.74 11.85 26.28
CA PHE A 79 -8.08 11.35 26.31
C PHE A 79 -8.75 11.79 24.99
N SER A 80 -9.52 10.91 24.36
CA SER A 80 -10.13 11.14 23.06
C SER A 80 -10.90 12.43 22.86
N GLU A 81 -11.41 13.00 23.92
CA GLU A 81 -12.19 14.21 23.79
C GLU A 81 -11.36 15.49 23.86
N MET A 82 -10.07 15.34 24.05
CA MET A 82 -9.23 16.50 24.14
C MET A 82 -8.47 16.78 22.87
N LEU A 83 -8.63 17.98 22.31
CA LEU A 83 -7.91 18.30 21.10
C LEU A 83 -6.65 19.04 21.40
N SER A 84 -5.77 19.03 20.43
CA SER A 84 -4.49 19.68 20.53
C SER A 84 -4.12 20.25 19.16
N ARG A 85 -3.13 21.12 19.07
CA ARG A 85 -2.76 21.71 17.78
C ARG A 85 -2.26 20.74 16.69
N PRO A 86 -1.44 19.72 17.01
CA PRO A 86 -0.99 18.86 15.92
C PRO A 86 -2.10 18.12 15.19
N VAL A 87 -3.14 17.75 15.94
CA VAL A 87 -4.30 17.05 15.40
C VAL A 87 -5.04 17.98 14.44
N VAL A 88 -5.31 19.20 14.93
CA VAL A 88 -6.02 20.18 14.14
C VAL A 88 -5.20 20.63 12.92
N ASP A 89 -3.91 20.87 13.11
CA ASP A 89 -3.08 21.25 12.00
C ASP A 89 -2.99 20.14 10.93
N LEU A 90 -2.86 18.88 11.39
CA LEU A 90 -2.76 17.76 10.44
C LEU A 90 -4.07 17.58 9.66
N ALA A 91 -5.19 17.65 10.39
CA ALA A 91 -6.48 17.51 9.75
C ALA A 91 -6.65 18.59 8.68
N THR A 92 -6.34 19.85 9.08
CA THR A 92 -6.41 21.01 8.18
C THR A 92 -5.48 20.77 6.99
N ARG A 93 -4.24 20.38 7.27
CA ARG A 93 -3.33 20.09 6.17
C ARG A 93 -3.89 19.06 5.17
N LEU A 94 -4.43 17.97 5.70
CA LEU A 94 -4.97 16.92 4.84
C LEU A 94 -6.10 17.42 3.95
N ALA A 95 -6.95 18.29 4.52
CA ALA A 95 -8.05 18.82 3.73
C ALA A 95 -7.48 19.67 2.61
N ASN A 96 -6.42 20.39 2.91
CA ASN A 96 -5.84 21.26 1.92
C ASN A 96 -5.05 20.66 0.84
N ILE A 97 -4.46 19.50 1.05
CA ILE A 97 -3.72 18.95 -0.05
C ILE A 97 -4.46 17.86 -0.77
N THR A 98 -5.59 17.42 -0.27
CA THR A 98 -6.28 16.39 -1.02
C THR A 98 -7.21 17.15 -1.94
N PRO A 99 -7.75 16.52 -2.94
CA PRO A 99 -8.63 17.24 -3.82
C PRO A 99 -9.87 17.83 -3.15
N PRO A 100 -10.44 18.80 -3.85
CA PRO A 100 -11.62 19.46 -3.38
C PRO A 100 -12.66 18.41 -3.16
N GLY A 101 -13.47 18.61 -2.16
CA GLY A 101 -14.47 17.61 -1.89
C GLY A 101 -13.97 16.68 -0.77
N LEU A 102 -12.70 16.75 -0.41
CA LEU A 102 -12.17 15.92 0.69
C LEU A 102 -11.84 16.97 1.72
N ASP A 103 -12.69 17.09 2.73
CA ASP A 103 -12.57 18.15 3.72
C ASP A 103 -12.34 17.84 5.17
N ARG A 104 -12.86 16.70 5.61
CA ARG A 104 -12.76 16.36 7.02
C ARG A 104 -11.99 15.08 7.25
N ALA A 105 -11.09 15.07 8.25
CA ALA A 105 -10.24 13.93 8.55
C ALA A 105 -10.40 13.35 9.94
N LEU A 106 -10.11 12.05 10.06
CA LEU A 106 -10.15 11.27 11.30
C LEU A 106 -8.74 10.70 11.44
N LEU A 107 -8.06 10.99 12.55
CA LEU A 107 -6.69 10.50 12.70
C LEU A 107 -6.61 9.25 13.58
N LEU A 108 -6.08 8.17 13.01
CA LEU A 108 -5.98 6.86 13.67
C LEU A 108 -4.54 6.34 13.72
N SER A 109 -4.39 5.00 13.84
CA SER A 109 -3.07 4.34 13.90
C SER A 109 -2.73 3.37 12.79
N THR A 110 -3.70 2.59 12.30
CA THR A 110 -3.36 1.63 11.27
C THR A 110 -4.31 1.65 10.10
N GLY A 111 -3.80 1.07 9.00
CA GLY A 111 -4.53 0.93 7.75
C GLY A 111 -5.82 0.18 7.98
N ALA A 112 -5.75 -0.94 8.70
CA ALA A 112 -6.98 -1.67 8.95
C ALA A 112 -8.02 -0.81 9.66
N GLU A 113 -7.58 -0.03 10.66
CA GLU A 113 -8.50 0.84 11.37
C GLU A 113 -9.10 1.87 10.42
N SER A 114 -8.25 2.43 9.57
CA SER A 114 -8.71 3.43 8.63
C SER A 114 -9.77 2.83 7.72
N ASN A 115 -9.55 1.64 7.20
CA ASN A 115 -10.55 1.03 6.32
C ASN A 115 -11.84 0.70 7.05
N GLU A 116 -11.71 0.24 8.30
CA GLU A 116 -12.88 -0.10 9.10
C GLU A 116 -13.73 1.16 9.37
N ALA A 117 -13.04 2.23 9.76
CA ALA A 117 -13.72 3.49 10.05
C ALA A 117 -14.51 3.93 8.83
N ALA A 118 -13.87 3.81 7.67
CA ALA A 118 -14.50 4.19 6.42
C ALA A 118 -15.65 3.27 6.05
N ILE A 119 -15.44 1.97 6.15
CA ILE A 119 -16.50 1.07 5.82
C ILE A 119 -17.73 1.31 6.73
N ARG A 120 -17.46 1.54 8.01
CA ARG A 120 -18.52 1.78 8.95
C ARG A 120 -19.28 3.07 8.61
N MET A 121 -18.59 4.13 8.22
CA MET A 121 -19.27 5.36 7.89
C MET A 121 -20.14 5.17 6.66
N ALA A 122 -19.64 4.38 5.70
CA ALA A 122 -20.40 4.10 4.46
C ALA A 122 -21.68 3.36 4.75
N LYS A 123 -21.59 2.36 5.62
CA LYS A 123 -22.76 1.59 6.00
C LYS A 123 -23.80 2.46 6.70
N LEU A 124 -23.32 3.25 7.64
CA LEU A 124 -24.22 4.10 8.38
C LEU A 124 -24.94 5.08 7.46
N VAL A 125 -24.16 5.80 6.70
CA VAL A 125 -24.70 6.79 5.82
C VAL A 125 -25.65 6.27 4.76
N THR A 126 -25.43 5.07 4.26
CA THR A 126 -26.31 4.57 3.21
C THR A 126 -27.38 3.70 3.80
N GLY A 127 -27.17 3.26 5.03
CA GLY A 127 -28.16 2.38 5.59
C GLY A 127 -28.07 0.97 5.00
N LYS A 128 -27.04 0.67 4.20
CA LYS A 128 -26.92 -0.66 3.63
C LYS A 128 -25.70 -1.37 4.15
N TYR A 129 -25.47 -2.63 3.80
CA TYR A 129 -24.31 -3.29 4.38
C TYR A 129 -23.43 -4.12 3.46
N GLU A 130 -23.78 -4.30 2.18
CA GLU A 130 -22.92 -5.10 1.31
C GLU A 130 -21.71 -4.30 0.83
N ILE A 131 -20.50 -4.93 0.89
CA ILE A 131 -19.22 -4.29 0.50
C ILE A 131 -18.62 -5.01 -0.69
N VAL A 132 -18.16 -4.27 -1.72
CA VAL A 132 -17.55 -4.93 -2.89
C VAL A 132 -16.11 -4.53 -2.98
N GLY A 133 -15.24 -5.49 -3.25
CA GLY A 133 -13.82 -5.23 -3.39
C GLY A 133 -13.23 -6.06 -4.54
N PHE A 134 -11.92 -5.99 -4.70
CA PHE A 134 -11.26 -6.77 -5.74
C PHE A 134 -10.81 -8.14 -5.20
N ALA A 135 -10.88 -9.13 -6.07
CA ALA A 135 -10.49 -10.48 -5.73
C ALA A 135 -9.02 -10.58 -5.41
N GLN A 136 -8.25 -9.54 -5.72
CA GLN A 136 -6.81 -9.56 -5.40
C GLN A 136 -6.44 -8.49 -4.35
N SER A 137 -7.43 -7.89 -3.71
CA SER A 137 -7.18 -6.82 -2.74
C SER A 137 -6.48 -7.19 -1.46
N TRP A 138 -5.97 -6.13 -0.78
CA TRP A 138 -5.28 -6.17 0.53
C TRP A 138 -5.68 -4.95 1.35
N HIS A 139 -6.55 -5.15 2.31
CA HIS A 139 -6.95 -4.01 3.09
C HIS A 139 -6.65 -4.16 4.56
N GLY A 140 -5.94 -5.21 4.94
CA GLY A 140 -5.65 -5.35 6.35
C GLY A 140 -6.21 -6.65 6.91
N MET A 141 -5.88 -6.93 8.16
CA MET A 141 -6.32 -8.15 8.80
C MET A 141 -7.46 -7.99 9.77
N THR A 142 -7.80 -6.77 10.15
CA THR A 142 -8.85 -6.60 11.10
C THR A 142 -10.26 -6.45 10.53
N GLY A 143 -11.10 -7.40 10.93
CA GLY A 143 -12.50 -7.52 10.58
C GLY A 143 -12.87 -7.21 9.14
N ALA A 144 -13.74 -6.21 9.04
CA ALA A 144 -14.28 -5.70 7.79
C ALA A 144 -13.20 -5.56 6.77
N ALA A 145 -12.10 -4.94 7.21
CA ALA A 145 -10.97 -4.75 6.34
C ALA A 145 -10.59 -6.11 5.80
N ALA A 146 -10.65 -7.11 6.70
CA ALA A 146 -10.34 -8.48 6.33
C ALA A 146 -11.42 -9.12 5.45
N SER A 147 -12.69 -8.75 5.68
CA SER A 147 -13.76 -9.30 4.86
C SER A 147 -13.66 -8.82 3.42
N ALA A 148 -13.05 -7.63 3.28
CA ALA A 148 -12.80 -6.93 2.02
C ALA A 148 -11.48 -7.37 1.33
N THR A 149 -10.63 -8.15 2.06
CA THR A 149 -9.32 -8.65 1.59
C THR A 149 -9.39 -10.04 0.97
N TYR A 150 -8.99 -10.10 -0.30
CA TYR A 150 -9.02 -11.34 -1.07
C TYR A 150 -7.68 -11.82 -1.55
N SER A 151 -6.63 -11.08 -1.27
CA SER A 151 -5.33 -11.53 -1.72
C SER A 151 -4.82 -12.75 -0.95
N ALA A 152 -5.11 -12.79 0.36
CA ALA A 152 -4.69 -13.88 1.23
C ALA A 152 -5.50 -13.88 2.52
N GLY A 153 -5.42 -14.98 3.26
CA GLY A 153 -6.10 -15.11 4.55
C GLY A 153 -7.60 -15.39 4.57
N ARG A 154 -8.18 -15.98 3.52
CA ARG A 154 -9.61 -16.25 3.55
C ARG A 154 -9.94 -17.65 4.07
N LYS A 155 -9.03 -18.60 3.80
CA LYS A 155 -9.16 -20.00 4.18
C LYS A 155 -8.94 -20.35 5.66
N GLY A 156 -9.53 -21.45 6.06
CA GLY A 156 -9.39 -21.98 7.42
C GLY A 156 -9.88 -21.17 8.60
N VAL A 157 -10.24 -19.91 8.41
CA VAL A 157 -10.71 -19.17 9.57
C VAL A 157 -12.19 -18.89 9.63
N GLY A 158 -13.02 -19.75 9.03
CA GLY A 158 -14.47 -19.56 9.05
C GLY A 158 -15.06 -18.55 8.06
N PRO A 159 -16.37 -18.43 8.10
CA PRO A 159 -17.06 -17.52 7.20
C PRO A 159 -16.62 -16.07 7.26
N ALA A 160 -16.63 -15.38 6.12
CA ALA A 160 -16.27 -13.98 6.17
C ALA A 160 -17.51 -13.16 6.47
N ALA A 161 -17.40 -11.84 6.43
CA ALA A 161 -18.56 -11.02 6.72
C ALA A 161 -19.69 -11.19 5.74
N VAL A 162 -20.85 -11.19 6.28
CA VAL A 162 -22.04 -11.31 5.52
C VAL A 162 -22.09 -10.18 4.48
N GLY A 163 -22.46 -10.46 3.25
CA GLY A 163 -22.55 -9.36 2.29
C GLY A 163 -21.27 -8.88 1.60
N SER A 164 -20.21 -9.68 1.56
CA SER A 164 -18.99 -9.28 0.87
C SER A 164 -19.01 -9.89 -0.50
N PHE A 165 -18.56 -9.18 -1.49
CA PHE A 165 -18.51 -9.70 -2.84
C PHE A 165 -17.20 -9.20 -3.40
N ALA A 166 -16.66 -9.85 -4.40
CA ALA A 166 -15.41 -9.39 -4.99
C ALA A 166 -15.58 -9.46 -6.45
N ILE A 167 -14.87 -8.64 -7.19
CA ILE A 167 -14.96 -8.71 -8.65
C ILE A 167 -13.52 -8.86 -9.13
N PRO A 168 -13.27 -9.34 -10.34
CA PRO A 168 -11.87 -9.47 -10.76
C PRO A 168 -11.26 -8.12 -11.06
N ALA A 169 -10.00 -7.95 -10.77
CA ALA A 169 -9.35 -6.70 -11.04
C ALA A 169 -8.86 -6.77 -12.47
N PRO A 170 -8.76 -5.64 -13.14
CA PRO A 170 -8.30 -5.56 -14.51
C PRO A 170 -6.81 -5.85 -14.54
N PHE A 171 -6.39 -6.89 -15.23
CA PHE A 171 -4.96 -7.15 -15.26
C PHE A 171 -4.52 -7.23 -16.71
N THR A 172 -3.92 -6.14 -17.18
CA THR A 172 -3.48 -6.05 -18.56
C THR A 172 -2.44 -7.09 -18.98
N TYR A 173 -1.55 -7.51 -18.07
CA TYR A 173 -0.50 -8.49 -18.40
C TYR A 173 -1.00 -9.89 -18.75
N ARG A 174 -2.08 -10.31 -18.08
CA ARG A 174 -2.71 -11.60 -18.27
C ARG A 174 -4.20 -11.40 -18.44
N PRO A 175 -4.56 -10.75 -19.53
CA PRO A 175 -5.96 -10.46 -19.84
C PRO A 175 -6.74 -11.74 -19.96
N ARG A 176 -8.03 -11.65 -19.61
CA ARG A 176 -8.91 -12.82 -19.66
C ARG A 176 -10.28 -12.48 -20.13
N PHE A 177 -10.49 -11.25 -20.54
CA PHE A 177 -11.81 -10.88 -20.98
C PHE A 177 -11.68 -10.18 -22.30
N GLU A 178 -12.18 -10.83 -23.32
CA GLU A 178 -12.05 -10.27 -24.64
C GLU A 178 -13.37 -9.85 -25.18
N ARG A 179 -13.30 -8.79 -25.97
CA ARG A 179 -14.45 -8.20 -26.66
C ARG A 179 -13.89 -7.76 -27.99
N ASN A 180 -14.37 -8.41 -29.04
CA ASN A 180 -13.90 -8.15 -30.37
C ASN A 180 -12.39 -8.17 -30.56
N GLY A 181 -11.76 -9.25 -30.09
CA GLY A 181 -10.32 -9.37 -30.25
C GLY A 181 -9.45 -8.62 -29.28
N ALA A 182 -10.00 -7.73 -28.48
CA ALA A 182 -9.09 -7.08 -27.57
C ALA A 182 -9.53 -7.24 -26.14
N TYR A 183 -8.58 -7.04 -25.22
CA TYR A 183 -8.86 -7.13 -23.80
C TYR A 183 -9.72 -5.93 -23.52
N ASP A 184 -10.97 -6.13 -23.26
CA ASP A 184 -11.78 -4.97 -23.01
C ASP A 184 -12.06 -4.94 -21.52
N TYR A 185 -11.27 -4.17 -20.76
CA TYR A 185 -11.44 -4.12 -19.30
C TYR A 185 -12.66 -3.41 -18.79
N LEU A 186 -13.28 -2.60 -19.64
CA LEU A 186 -14.49 -1.91 -19.25
C LEU A 186 -15.68 -2.86 -19.40
N ALA A 187 -15.63 -3.69 -20.47
CA ALA A 187 -16.67 -4.65 -20.69
C ALA A 187 -16.63 -5.67 -19.55
N GLU A 188 -15.40 -5.94 -19.08
CA GLU A 188 -15.18 -6.89 -17.97
C GLU A 188 -15.87 -6.39 -16.70
N LEU A 189 -15.74 -5.09 -16.52
CA LEU A 189 -16.33 -4.37 -15.40
C LEU A 189 -17.85 -4.49 -15.46
N ASP A 190 -18.40 -4.19 -16.65
CA ASP A 190 -19.84 -4.30 -16.85
C ASP A 190 -20.30 -5.71 -16.52
N TYR A 191 -19.56 -6.69 -17.01
CA TYR A 191 -19.88 -8.07 -16.80
C TYR A 191 -19.86 -8.42 -15.31
N ALA A 192 -18.83 -7.97 -14.60
CA ALA A 192 -18.73 -8.24 -13.17
C ALA A 192 -19.88 -7.62 -12.39
N PHE A 193 -20.18 -6.34 -12.66
CA PHE A 193 -21.28 -5.70 -11.95
C PHE A 193 -22.66 -6.36 -12.17
N ASP A 194 -22.87 -6.86 -13.37
CA ASP A 194 -24.14 -7.51 -13.61
C ASP A 194 -24.28 -8.71 -12.68
N LEU A 195 -23.18 -9.43 -12.45
CA LEU A 195 -23.24 -10.60 -11.59
C LEU A 195 -23.57 -10.18 -10.15
N ILE A 196 -22.92 -9.07 -9.77
CA ILE A 196 -23.08 -8.50 -8.44
C ILE A 196 -24.53 -8.17 -8.23
N ASP A 197 -25.03 -7.44 -9.23
CA ASP A 197 -26.40 -7.02 -9.19
C ASP A 197 -27.30 -8.20 -8.97
N ARG A 198 -26.98 -9.33 -9.58
CA ARG A 198 -27.83 -10.49 -9.39
C ARG A 198 -27.73 -11.14 -8.01
N GLN A 199 -26.59 -11.05 -7.36
CA GLN A 199 -26.49 -11.67 -6.05
C GLN A 199 -26.89 -10.79 -4.89
N SER A 200 -26.73 -9.48 -5.06
CA SER A 200 -27.06 -8.54 -4.00
C SER A 200 -28.50 -8.72 -3.46
N SER A 201 -28.70 -8.37 -2.19
CA SER A 201 -30.01 -8.47 -1.57
C SER A 201 -30.63 -7.10 -1.60
N GLY A 202 -29.98 -6.24 -2.38
CA GLY A 202 -30.37 -4.85 -2.58
C GLY A 202 -29.83 -3.90 -1.50
N ASN A 203 -28.63 -4.21 -0.98
CA ASN A 203 -27.98 -3.44 0.08
C ASN A 203 -26.54 -3.10 -0.16
N LEU A 204 -26.27 -2.66 -1.39
CA LEU A 204 -24.91 -2.26 -1.80
C LEU A 204 -24.54 -0.93 -1.16
N ALA A 205 -23.53 -0.97 -0.30
CA ALA A 205 -23.11 0.24 0.40
C ALA A 205 -21.88 0.91 -0.16
N ALA A 206 -20.86 0.15 -0.48
CA ALA A 206 -19.65 0.81 -0.98
C ALA A 206 -18.76 -0.12 -1.75
N PHE A 207 -17.83 0.46 -2.47
CA PHE A 207 -16.84 -0.30 -3.19
C PHE A 207 -15.53 0.15 -2.58
N ILE A 208 -14.63 -0.77 -2.26
CA ILE A 208 -13.36 -0.37 -1.70
C ILE A 208 -12.24 -0.82 -2.64
N ALA A 209 -11.33 0.08 -2.95
CA ALA A 209 -10.28 -0.28 -3.87
C ALA A 209 -8.97 0.44 -3.63
N GLU A 210 -7.91 -0.19 -4.14
CA GLU A 210 -6.55 0.34 -4.11
C GLU A 210 -6.30 0.86 -5.56
N PRO A 211 -5.64 2.00 -5.75
CA PRO A 211 -5.40 2.51 -7.09
C PRO A 211 -4.41 1.63 -7.79
N ILE A 212 -3.51 1.08 -7.00
CA ILE A 212 -2.52 0.14 -7.53
C ILE A 212 -2.57 -1.00 -6.51
N LEU A 213 -2.92 -2.20 -6.97
CA LEU A 213 -3.02 -3.33 -6.07
C LEU A 213 -1.64 -3.77 -5.69
N SER A 214 -1.22 -3.47 -4.45
CA SER A 214 0.11 -3.81 -3.96
C SER A 214 0.32 -5.28 -3.63
N SER A 215 -0.37 -5.79 -2.60
CA SER A 215 -0.27 -7.21 -2.23
C SER A 215 -0.61 -8.12 -3.44
N GLY A 216 -1.62 -7.71 -4.24
CA GLY A 216 -2.08 -8.46 -5.43
C GLY A 216 -1.10 -8.56 -6.61
N GLY A 217 0.12 -8.05 -6.45
CA GLY A 217 1.10 -8.12 -7.52
C GLY A 217 1.37 -6.84 -8.30
N ILE A 218 1.30 -5.67 -7.66
CA ILE A 218 1.55 -4.40 -8.36
C ILE A 218 0.71 -4.30 -9.63
N ILE A 219 -0.59 -4.30 -9.46
CA ILE A 219 -1.54 -4.21 -10.55
C ILE A 219 -2.16 -2.84 -10.59
N GLU A 220 -1.87 -2.12 -11.65
CA GLU A 220 -2.36 -0.78 -11.87
C GLU A 220 -3.69 -0.76 -12.57
N LEU A 221 -4.64 -0.04 -12.00
CA LEU A 221 -5.92 0.07 -12.66
C LEU A 221 -5.65 0.88 -13.94
N PRO A 222 -6.06 0.34 -15.11
CA PRO A 222 -5.79 0.99 -16.37
C PRO A 222 -6.57 2.30 -16.60
N ASP A 223 -6.21 3.01 -17.68
CA ASP A 223 -6.86 4.28 -17.98
C ASP A 223 -8.35 4.21 -18.23
N GLY A 224 -9.07 5.10 -17.52
CA GLY A 224 -10.52 5.25 -17.59
C GLY A 224 -11.23 4.26 -16.68
N TYR A 225 -10.46 3.37 -16.09
CA TYR A 225 -11.10 2.38 -15.23
C TYR A 225 -11.79 3.00 -14.02
N MET A 226 -11.04 3.81 -13.31
CA MET A 226 -11.54 4.45 -12.12
C MET A 226 -12.77 5.26 -12.33
N ALA A 227 -12.79 5.92 -13.45
CA ALA A 227 -13.94 6.73 -13.76
C ALA A 227 -15.13 5.84 -14.00
N ALA A 228 -14.89 4.74 -14.74
CA ALA A 228 -15.97 3.81 -15.00
C ALA A 228 -16.44 3.18 -13.67
N LEU A 229 -15.51 2.92 -12.75
CA LEU A 229 -15.88 2.33 -11.47
C LEU A 229 -16.76 3.28 -10.68
N LYS A 230 -16.29 4.50 -10.60
CA LYS A 230 -17.01 5.52 -9.88
C LYS A 230 -18.43 5.64 -10.42
N ARG A 231 -18.59 5.55 -11.74
CA ARG A 231 -19.92 5.66 -12.33
C ARG A 231 -20.81 4.47 -11.93
N LYS A 232 -20.20 3.29 -11.88
CA LYS A 232 -20.94 2.10 -11.48
C LYS A 232 -21.50 2.30 -10.08
N CYS A 233 -20.68 2.92 -9.22
CA CYS A 233 -21.10 3.18 -7.83
C CYS A 233 -22.21 4.18 -7.71
N GLU A 234 -22.07 5.28 -8.44
CA GLU A 234 -23.06 6.32 -8.37
C GLU A 234 -24.43 5.83 -8.79
N ALA A 235 -24.44 5.07 -9.85
CA ALA A 235 -25.72 4.57 -10.30
C ALA A 235 -26.42 3.69 -9.30
N ARG A 236 -25.65 3.07 -8.40
CA ARG A 236 -26.21 2.16 -7.42
C ARG A 236 -26.34 2.78 -6.05
N GLY A 237 -26.01 4.05 -5.94
CA GLY A 237 -26.11 4.68 -4.62
C GLY A 237 -25.02 4.18 -3.65
N MET A 238 -23.87 3.78 -4.18
CA MET A 238 -22.78 3.27 -3.35
C MET A 238 -21.66 4.29 -3.19
N LEU A 239 -20.93 4.21 -2.08
CA LEU A 239 -19.81 5.13 -1.93
C LEU A 239 -18.57 4.45 -2.47
N LEU A 240 -17.63 5.25 -2.92
CA LEU A 240 -16.37 4.73 -3.39
C LEU A 240 -15.29 5.05 -2.37
N ILE A 241 -14.69 4.01 -1.81
CA ILE A 241 -13.61 4.19 -0.83
C ILE A 241 -12.29 3.85 -1.50
N LEU A 242 -11.31 4.77 -1.45
CA LEU A 242 -10.01 4.49 -2.09
C LEU A 242 -8.99 4.33 -1.01
N ASP A 243 -8.32 3.19 -1.00
CA ASP A 243 -7.30 2.88 0.00
C ASP A 243 -5.95 3.26 -0.58
N GLU A 244 -5.38 4.35 -0.11
CA GLU A 244 -4.06 4.74 -0.63
C GLU A 244 -2.92 4.51 0.36
N ALA A 245 -3.06 3.45 1.18
CA ALA A 245 -2.03 3.09 2.20
C ALA A 245 -0.62 3.05 1.57
N GLN A 246 -0.56 2.45 0.39
CA GLN A 246 0.71 2.33 -0.31
C GLN A 246 0.97 3.35 -1.39
N THR A 247 -0.07 3.87 -2.01
CA THR A 247 0.13 4.84 -3.07
C THR A 247 0.19 6.30 -2.62
N GLY A 248 -0.44 6.62 -1.49
CA GLY A 248 -0.48 7.99 -0.99
C GLY A 248 0.84 8.61 -0.55
N VAL A 249 0.84 9.92 -0.46
CA VAL A 249 2.04 10.59 0.00
C VAL A 249 3.23 10.57 -0.99
N GLY A 250 2.93 10.81 -2.25
CA GLY A 250 3.90 10.94 -3.33
C GLY A 250 4.54 9.75 -3.98
N ARG A 251 4.33 8.58 -3.45
CA ARG A 251 4.95 7.41 -4.02
C ARG A 251 4.83 7.17 -5.52
N THR A 252 3.64 7.37 -6.06
CA THR A 252 3.46 7.13 -7.48
C THR A 252 3.74 8.33 -8.35
N GLY A 253 4.22 9.43 -7.79
CA GLY A 253 4.47 10.58 -8.65
C GLY A 253 3.48 11.74 -8.57
N THR A 254 2.40 11.59 -7.81
CA THR A 254 1.39 12.61 -7.55
C THR A 254 1.23 12.53 -6.06
N MET A 255 0.67 13.54 -5.41
CA MET A 255 0.53 13.45 -3.96
C MET A 255 -0.28 12.20 -3.61
N PHE A 256 -1.39 12.06 -4.32
CA PHE A 256 -2.32 10.95 -4.18
C PHE A 256 -2.55 10.39 -5.56
N ALA A 257 -2.64 9.08 -5.63
CA ALA A 257 -2.83 8.43 -6.90
C ALA A 257 -4.10 8.86 -7.54
N CYS A 258 -5.10 9.15 -6.73
CA CYS A 258 -6.38 9.57 -7.30
C CYS A 258 -6.25 10.83 -8.18
N GLN A 259 -5.24 11.64 -7.91
CA GLN A 259 -5.00 12.85 -8.66
C GLN A 259 -4.69 12.59 -10.09
N ARG A 260 -4.01 11.49 -10.37
CA ARG A 260 -3.68 11.14 -11.72
C ARG A 260 -4.91 10.91 -12.56
N ASP A 261 -5.79 10.12 -12.02
CA ASP A 261 -6.99 9.83 -12.77
C ASP A 261 -7.94 10.98 -12.79
N GLY A 262 -7.94 11.72 -11.71
CA GLY A 262 -8.88 12.80 -11.63
C GLY A 262 -10.22 12.36 -11.03
N VAL A 263 -10.30 11.17 -10.47
CA VAL A 263 -11.57 10.75 -9.88
C VAL A 263 -11.41 10.93 -8.39
N THR A 264 -12.26 11.71 -7.74
CA THR A 264 -12.03 11.86 -6.32
C THR A 264 -12.95 10.92 -5.59
N PRO A 265 -12.45 10.12 -4.66
CA PRO A 265 -13.37 9.19 -4.01
C PRO A 265 -14.25 9.83 -2.97
N ASP A 266 -15.25 9.10 -2.47
CA ASP A 266 -16.13 9.61 -1.42
C ASP A 266 -15.37 9.57 -0.08
N ILE A 267 -14.55 8.53 0.11
CA ILE A 267 -13.73 8.39 1.32
C ILE A 267 -12.36 7.96 0.89
N LEU A 268 -11.34 8.64 1.42
CA LEU A 268 -9.96 8.30 1.09
C LEU A 268 -9.30 7.82 2.38
N THR A 269 -8.58 6.69 2.36
CA THR A 269 -7.90 6.22 3.57
C THR A 269 -6.38 6.23 3.35
N LEU A 270 -5.65 6.60 4.38
CA LEU A 270 -4.22 6.68 4.30
C LEU A 270 -3.59 5.95 5.50
N SER A 271 -2.35 5.46 5.35
CA SER A 271 -1.72 4.76 6.46
C SER A 271 -0.20 4.59 6.47
N LYS A 272 0.30 3.56 5.78
CA LYS A 272 1.74 3.26 5.78
C LYS A 272 2.62 4.45 5.56
N THR A 273 2.44 5.08 4.40
CA THR A 273 3.24 6.23 4.02
C THR A 273 3.01 7.48 4.87
N LEU A 274 1.79 7.67 5.39
CA LEU A 274 1.51 8.85 6.21
C LEU A 274 2.36 8.88 7.43
N GLY A 275 2.47 7.73 8.09
CA GLY A 275 3.25 7.71 9.31
C GLY A 275 4.75 7.59 9.05
N ALA A 276 5.11 7.23 7.82
CA ALA A 276 6.51 7.07 7.46
C ALA A 276 7.25 6.10 8.38
N GLY A 277 6.60 5.03 8.85
CA GLY A 277 7.27 4.09 9.74
C GLY A 277 6.60 3.95 11.12
N LEU A 278 5.94 5.01 11.58
CA LEU A 278 5.23 5.05 12.85
C LEU A 278 3.78 4.81 12.62
N PRO A 279 3.06 4.35 13.62
CA PRO A 279 1.66 4.10 13.41
C PRO A 279 0.77 5.31 13.41
N LEU A 280 0.45 5.75 12.22
CA LEU A 280 -0.45 6.85 12.02
C LEU A 280 -1.29 6.50 10.81
N ALA A 281 -2.59 6.74 10.90
CA ALA A 281 -3.46 6.46 9.74
C ALA A 281 -4.57 7.52 9.68
N ALA A 282 -5.32 7.57 8.60
CA ALA A 282 -6.39 8.55 8.55
C ALA A 282 -7.43 8.27 7.49
N ILE A 283 -8.61 8.86 7.69
CA ILE A 283 -9.66 8.80 6.70
C ILE A 283 -9.95 10.25 6.39
N VAL A 284 -10.23 10.55 5.14
CA VAL A 284 -10.59 11.87 4.70
C VAL A 284 -11.89 11.73 3.92
N THR A 285 -12.91 12.54 4.24
CA THR A 285 -14.19 12.50 3.55
C THR A 285 -14.78 13.91 3.31
N SER A 286 -15.89 14.02 2.56
CA SER A 286 -16.52 15.33 2.29
C SER A 286 -17.31 15.83 3.49
N ALA A 287 -17.53 17.12 3.56
CA ALA A 287 -18.30 17.65 4.67
C ALA A 287 -19.70 17.05 4.73
N ALA A 288 -20.30 16.91 3.55
CA ALA A 288 -21.64 16.36 3.41
C ALA A 288 -21.73 14.98 3.99
N ILE A 289 -20.75 14.11 3.68
CA ILE A 289 -20.78 12.75 4.23
C ILE A 289 -20.64 12.79 5.76
N GLU A 290 -19.68 13.58 6.22
CA GLU A 290 -19.44 13.69 7.66
C GLU A 290 -20.64 14.22 8.41
N GLU A 291 -21.30 15.23 7.87
CA GLU A 291 -22.45 15.79 8.56
C GLU A 291 -23.51 14.77 8.81
N ARG A 292 -23.71 13.96 7.77
CA ARG A 292 -24.70 12.90 7.74
C ARG A 292 -24.41 11.79 8.74
N ALA A 293 -23.18 11.33 8.71
CA ALA A 293 -22.77 10.30 9.61
C ALA A 293 -22.97 10.84 11.04
N HIS A 294 -22.63 12.10 11.20
CA HIS A 294 -22.78 12.69 12.50
C HIS A 294 -24.24 12.72 12.93
N GLU A 295 -25.12 13.15 12.05
CA GLU A 295 -26.53 13.20 12.37
C GLU A 295 -27.00 11.81 12.73
N LEU A 296 -26.38 10.80 12.11
CA LEU A 296 -26.78 9.40 12.32
C LEU A 296 -26.17 8.74 13.55
N GLY A 297 -25.31 9.45 14.22
CA GLY A 297 -24.71 8.88 15.41
C GLY A 297 -23.39 8.15 15.19
N TYR A 298 -22.64 8.51 14.17
CA TYR A 298 -21.38 7.83 13.93
C TYR A 298 -20.45 7.85 15.14
N LEU A 299 -19.91 6.68 15.47
CA LEU A 299 -18.98 6.49 16.59
C LEU A 299 -17.77 5.66 16.12
N PHE A 300 -16.58 6.07 16.48
CA PHE A 300 -15.40 5.32 16.11
C PHE A 300 -14.34 5.65 17.14
N TYR A 301 -14.24 4.79 18.12
CA TYR A 301 -13.29 5.03 19.19
C TYR A 301 -12.16 4.04 19.22
N THR A 302 -10.94 4.57 19.28
CA THR A 302 -9.70 3.79 19.39
C THR A 302 -8.90 4.39 20.52
N THR A 303 -7.95 3.65 21.00
CA THR A 303 -7.15 4.16 22.09
C THR A 303 -6.38 5.37 21.67
N HIS A 304 -5.87 5.32 20.46
CA HIS A 304 -5.05 6.41 20.00
C HIS A 304 -5.62 7.42 19.01
N VAL A 305 -6.92 7.49 18.87
CA VAL A 305 -7.47 8.46 17.93
C VAL A 305 -7.06 9.88 18.37
N SER A 306 -6.74 10.75 17.42
CA SER A 306 -6.39 12.12 17.76
C SER A 306 -5.26 12.26 18.77
N ASP A 307 -4.28 11.40 18.74
CA ASP A 307 -3.20 11.59 19.70
C ASP A 307 -2.23 12.60 19.11
N PRO A 308 -1.67 13.48 19.94
CA PRO A 308 -0.74 14.51 19.50
C PRO A 308 0.61 14.07 18.91
N LEU A 309 1.32 13.14 19.56
CA LEU A 309 2.62 12.73 19.02
C LEU A 309 2.59 12.23 17.60
N PRO A 310 1.78 11.18 17.31
CA PRO A 310 1.71 10.64 15.96
C PRO A 310 1.28 11.71 14.95
N ALA A 311 0.32 12.57 15.32
CA ALA A 311 -0.12 13.64 14.42
C ALA A 311 1.05 14.60 14.10
N ALA A 312 1.83 14.98 15.14
CA ALA A 312 2.98 15.88 14.92
C ALA A 312 3.94 15.26 13.91
N VAL A 313 4.10 13.94 13.99
CA VAL A 313 4.98 13.24 13.07
C VAL A 313 4.42 13.31 11.65
N GLY A 314 3.13 12.99 11.47
CA GLY A 314 2.53 13.02 10.15
C GLY A 314 2.67 14.39 9.50
N LEU A 315 2.47 15.42 10.29
CA LEU A 315 2.59 16.79 9.78
C LEU A 315 4.01 17.02 9.26
N ARG A 316 4.99 16.67 10.10
CA ARG A 316 6.36 16.82 9.69
C ARG A 316 6.62 16.08 8.38
N VAL A 317 6.06 14.88 8.26
CA VAL A 317 6.26 14.11 7.03
C VAL A 317 5.73 14.90 5.82
N LEU A 318 4.54 15.49 5.95
CA LEU A 318 3.99 16.23 4.82
C LEU A 318 4.83 17.44 4.51
N ASP A 319 5.33 18.11 5.56
CA ASP A 319 6.16 19.28 5.34
C ASP A 319 7.39 18.93 4.55
N VAL A 320 8.03 17.85 4.94
CA VAL A 320 9.24 17.45 4.24
C VAL A 320 8.99 17.14 2.80
N VAL A 321 7.95 16.37 2.58
CA VAL A 321 7.60 15.97 1.24
C VAL A 321 7.32 17.16 0.33
N GLN A 322 6.59 18.12 0.85
CA GLN A 322 6.23 19.30 0.10
C GLN A 322 7.48 20.11 -0.10
N ARG A 323 8.14 20.41 1.00
CA ARG A 323 9.33 21.19 0.97
C ARG A 323 10.44 20.67 0.09
N ASP A 324 10.75 19.40 0.18
CA ASP A 324 11.83 18.87 -0.63
C ASP A 324 11.44 18.44 -2.03
N GLY A 325 10.22 18.72 -2.44
CA GLY A 325 9.83 18.32 -3.80
C GLY A 325 9.94 16.83 -4.02
N LEU A 326 9.64 16.07 -2.96
CA LEU A 326 9.67 14.62 -3.01
C LEU A 326 8.71 13.95 -4.00
N VAL A 327 7.56 14.56 -4.31
CA VAL A 327 6.67 13.94 -5.28
C VAL A 327 7.33 13.92 -6.68
N ALA A 328 8.00 15.03 -7.01
CA ALA A 328 8.69 15.20 -8.29
C ALA A 328 9.83 14.21 -8.37
N ARG A 329 10.59 14.20 -7.30
CA ARG A 329 11.71 13.29 -7.15
C ARG A 329 11.25 11.86 -7.46
N ALA A 330 10.03 11.53 -7.00
CA ALA A 330 9.46 10.22 -7.26
C ALA A 330 9.39 9.96 -8.76
N ASN A 331 9.05 10.97 -9.57
CA ASN A 331 9.01 10.73 -11.00
C ASN A 331 10.36 10.51 -11.62
N VAL A 332 11.29 11.33 -11.17
CA VAL A 332 12.63 11.27 -11.68
C VAL A 332 13.37 9.99 -11.31
N MET A 333 13.41 9.65 -10.02
CA MET A 333 14.10 8.42 -9.62
C MET A 333 13.36 7.20 -10.16
N GLY A 334 12.04 7.29 -10.18
CA GLY A 334 11.23 6.20 -10.67
C GLY A 334 11.54 5.93 -12.12
N ASP A 335 11.83 7.00 -12.84
CA ASP A 335 12.15 6.86 -14.24
C ASP A 335 13.52 6.21 -14.37
N ARG A 336 14.45 6.65 -13.56
CA ARG A 336 15.74 6.06 -13.57
C ARG A 336 15.64 4.54 -13.24
N LEU A 337 14.92 4.19 -12.20
CA LEU A 337 14.77 2.77 -11.81
C LEU A 337 14.08 1.94 -12.91
N ARG A 338 12.96 2.46 -13.41
CA ARG A 338 12.23 1.74 -14.42
C ARG A 338 13.06 1.41 -15.65
N ARG A 339 13.78 2.41 -16.13
CA ARG A 339 14.62 2.22 -17.30
C ARG A 339 15.64 1.12 -17.00
N GLY A 340 16.22 1.14 -15.78
CA GLY A 340 17.20 0.14 -15.37
C GLY A 340 16.57 -1.26 -15.37
N LEU A 341 15.32 -1.32 -14.91
CA LEU A 341 14.65 -2.61 -14.89
C LEU A 341 14.37 -3.04 -16.30
N LEU A 342 14.09 -2.07 -17.16
CA LEU A 342 13.83 -2.46 -18.52
C LEU A 342 15.10 -2.99 -19.17
N ASP A 343 16.24 -2.43 -18.78
CA ASP A 343 17.51 -2.89 -19.33
C ASP A 343 17.74 -4.31 -18.82
N LEU A 344 17.39 -4.60 -17.57
CA LEU A 344 17.55 -5.97 -17.07
C LEU A 344 16.72 -6.92 -17.89
N MET A 345 15.53 -6.45 -18.20
CA MET A 345 14.63 -7.23 -18.99
C MET A 345 15.22 -7.52 -20.38
N GLU A 346 16.13 -6.66 -20.83
CA GLU A 346 16.76 -6.84 -22.13
C GLU A 346 17.72 -8.01 -22.04
N ARG A 347 18.43 -8.03 -20.92
CA ARG A 347 19.42 -9.03 -20.57
C ARG A 347 18.84 -10.41 -20.23
N PHE A 348 17.82 -10.46 -19.37
CA PHE A 348 17.29 -11.77 -18.98
C PHE A 348 15.89 -12.17 -19.41
N ASP A 349 15.81 -13.34 -20.04
CA ASP A 349 14.54 -13.89 -20.49
C ASP A 349 13.52 -14.18 -19.38
N CYS A 350 13.96 -14.26 -18.11
CA CYS A 350 13.07 -14.56 -17.00
C CYS A 350 12.20 -13.39 -16.50
N ILE A 351 12.52 -12.13 -16.91
CA ILE A 351 11.74 -10.95 -16.53
C ILE A 351 10.60 -10.81 -17.52
N GLY A 352 9.37 -11.12 -17.09
CA GLY A 352 8.23 -11.06 -18.00
C GLY A 352 7.51 -9.72 -18.11
N ASP A 353 7.60 -8.89 -17.08
CA ASP A 353 6.92 -7.61 -17.09
C ASP A 353 7.48 -6.73 -16.02
N VAL A 354 7.49 -5.43 -16.31
CA VAL A 354 7.94 -4.37 -15.40
C VAL A 354 6.76 -3.43 -15.39
N ARG A 355 6.10 -3.25 -14.25
CA ARG A 355 4.94 -2.38 -14.18
C ARG A 355 4.91 -1.57 -12.93
N GLY A 356 3.94 -0.66 -12.82
CA GLY A 356 3.87 0.18 -11.65
C GLY A 356 4.01 1.63 -12.06
N ARG A 357 4.21 2.52 -11.10
CA ARG A 357 4.30 3.93 -11.36
C ARG A 357 5.12 4.63 -10.33
N GLY A 358 5.88 5.64 -10.76
CA GLY A 358 6.70 6.37 -9.83
C GLY A 358 7.64 5.40 -9.14
N LEU A 359 7.67 5.45 -7.82
CA LEU A 359 8.52 4.58 -7.04
C LEU A 359 7.79 3.36 -6.45
N LEU A 360 6.77 2.88 -7.15
CA LEU A 360 6.01 1.72 -6.75
C LEU A 360 6.03 0.88 -7.99
N LEU A 361 7.01 -0.02 -8.06
CA LEU A 361 7.21 -0.86 -9.21
C LEU A 361 7.13 -2.36 -8.91
N GLY A 362 6.74 -3.12 -9.92
CA GLY A 362 6.67 -4.55 -9.78
C GLY A 362 7.40 -5.20 -10.94
N VAL A 363 8.05 -6.33 -10.68
CA VAL A 363 8.78 -7.10 -11.71
C VAL A 363 8.23 -8.52 -11.69
N GLU A 364 7.53 -8.95 -12.74
CA GLU A 364 6.99 -10.30 -12.72
C GLU A 364 7.95 -11.29 -13.33
N ILE A 365 8.36 -12.31 -12.54
CA ILE A 365 9.29 -13.35 -13.00
C ILE A 365 8.55 -14.51 -13.70
N VAL A 366 8.99 -14.92 -14.92
CA VAL A 366 8.35 -16.01 -15.67
C VAL A 366 9.31 -17.03 -16.27
N LYS A 367 8.79 -18.22 -16.55
CA LYS A 367 9.56 -19.31 -17.16
C LYS A 367 10.13 -18.82 -18.47
N ASP A 368 9.22 -18.39 -19.32
CA ASP A 368 9.61 -17.87 -20.59
C ASP A 368 8.64 -16.80 -21.02
N ARG A 369 9.23 -15.74 -21.60
CA ARG A 369 8.53 -14.58 -22.09
C ARG A 369 7.33 -14.85 -22.98
N ARG A 370 7.32 -15.85 -23.86
CA ARG A 370 6.07 -15.99 -24.62
C ARG A 370 4.97 -16.71 -23.85
N THR A 371 5.28 -17.93 -23.39
CA THR A 371 4.36 -18.80 -22.62
C THR A 371 3.79 -18.11 -21.39
N LYS A 372 4.58 -17.18 -20.85
CA LYS A 372 4.26 -16.40 -19.68
C LYS A 372 4.03 -17.28 -18.50
N GLU A 373 4.59 -18.47 -18.60
CA GLU A 373 4.48 -19.43 -17.53
C GLU A 373 5.23 -18.90 -16.32
N PRO A 374 4.63 -19.04 -15.16
CA PRO A 374 5.24 -18.59 -13.94
C PRO A 374 6.50 -19.39 -13.64
N ALA A 375 7.54 -18.73 -13.15
CA ALA A 375 8.81 -19.34 -12.79
C ALA A 375 8.69 -20.08 -11.47
N ASP A 376 8.90 -21.39 -11.50
CA ASP A 376 8.80 -22.16 -10.28
C ASP A 376 10.09 -22.31 -9.52
N GLY A 377 10.21 -21.53 -8.46
CA GLY A 377 11.38 -21.57 -7.58
C GLY A 377 12.50 -20.57 -7.84
N LEU A 378 12.52 -19.99 -9.05
CA LEU A 378 13.53 -19.01 -9.43
C LEU A 378 13.50 -17.71 -8.64
N GLY A 379 12.27 -17.20 -8.42
CA GLY A 379 12.06 -15.98 -7.68
C GLY A 379 12.73 -16.09 -6.32
N ALA A 380 12.49 -17.24 -5.70
CA ALA A 380 13.06 -17.53 -4.38
C ALA A 380 14.57 -17.53 -4.42
N LYS A 381 15.14 -18.04 -5.52
CA LYS A 381 16.58 -18.08 -5.62
C LYS A 381 17.08 -16.66 -5.70
N ILE A 382 16.45 -15.95 -6.62
CA ILE A 382 16.82 -14.58 -6.86
C ILE A 382 16.78 -13.79 -5.58
N THR A 383 15.70 -13.97 -4.84
CA THR A 383 15.58 -13.25 -3.60
C THR A 383 16.76 -13.56 -2.68
N ARG A 384 17.11 -14.84 -2.64
CA ARG A 384 18.18 -15.30 -1.80
C ARG A 384 19.51 -14.65 -2.17
N GLU A 385 19.83 -14.64 -3.46
CA GLU A 385 21.08 -14.04 -3.91
C GLU A 385 21.15 -12.55 -3.61
N CYS A 386 20.00 -11.86 -3.74
CA CYS A 386 19.96 -10.41 -3.49
C CYS A 386 20.38 -10.13 -2.09
N MET A 387 19.77 -10.91 -1.21
CA MET A 387 20.08 -10.74 0.17
C MET A 387 21.57 -10.93 0.42
N ASN A 388 22.12 -12.01 -0.16
CA ASN A 388 23.53 -12.35 -0.05
C ASN A 388 24.42 -11.21 -0.53
N LEU A 389 23.96 -10.55 -1.60
CA LEU A 389 24.64 -9.42 -2.22
C LEU A 389 24.37 -8.12 -1.49
N GLY A 390 23.42 -8.14 -0.56
CA GLY A 390 23.11 -6.96 0.20
C GLY A 390 21.94 -6.11 -0.27
N LEU A 391 20.98 -6.71 -0.97
CA LEU A 391 19.81 -5.99 -1.44
C LEU A 391 18.55 -6.65 -0.87
N SER A 392 17.84 -5.91 -0.03
CA SER A 392 16.64 -6.44 0.56
C SER A 392 15.43 -6.32 -0.36
N MET A 393 14.88 -7.45 -0.76
CA MET A 393 13.73 -7.51 -1.65
C MET A 393 12.59 -8.31 -1.05
N ASN A 394 11.42 -8.15 -1.65
CA ASN A 394 10.23 -8.84 -1.22
C ASN A 394 9.52 -9.39 -2.44
N ILE A 395 9.22 -10.67 -2.42
CA ILE A 395 8.53 -11.19 -3.59
C ILE A 395 7.20 -11.74 -3.16
N VAL A 396 6.18 -11.61 -4.01
CA VAL A 396 4.87 -12.12 -3.67
C VAL A 396 4.43 -13.07 -4.75
N GLN A 397 3.83 -14.17 -4.33
CA GLN A 397 3.36 -15.13 -5.32
C GLN A 397 1.86 -15.31 -5.24
N LEU A 398 1.18 -15.09 -6.33
CA LEU A 398 -0.25 -15.27 -6.32
C LEU A 398 -0.59 -16.34 -7.32
N PRO A 399 -1.65 -17.08 -7.05
CA PRO A 399 -2.06 -18.12 -7.93
C PRO A 399 -2.29 -17.55 -9.32
N GLY A 400 -1.82 -18.28 -10.31
CA GLY A 400 -1.99 -17.88 -11.69
C GLY A 400 -1.15 -16.73 -12.17
N MET A 401 -0.11 -16.37 -11.43
CA MET A 401 0.75 -15.27 -11.82
C MET A 401 2.17 -15.67 -11.59
N GLY A 402 3.14 -15.00 -12.21
CA GLY A 402 4.51 -15.35 -11.91
C GLY A 402 4.78 -14.65 -10.58
N GLY A 403 5.86 -15.00 -9.87
CA GLY A 403 6.17 -14.32 -8.62
C GLY A 403 6.49 -12.85 -8.92
N VAL A 404 6.12 -11.95 -8.03
CA VAL A 404 6.40 -10.57 -8.34
C VAL A 404 7.20 -9.86 -7.30
N PHE A 405 8.29 -9.26 -7.74
CA PHE A 405 9.10 -8.47 -6.82
C PHE A 405 8.42 -7.11 -6.66
N ARG A 406 8.21 -6.68 -5.43
CA ARG A 406 7.59 -5.37 -5.18
C ARG A 406 8.73 -4.42 -4.88
N ILE A 407 8.97 -3.45 -5.77
CA ILE A 407 10.09 -2.55 -5.51
C ILE A 407 9.62 -1.22 -5.05
N ALA A 408 10.10 -0.78 -3.91
CA ALA A 408 9.66 0.52 -3.40
C ALA A 408 10.65 1.19 -2.47
N PRO A 409 11.64 1.85 -3.06
CA PRO A 409 12.66 2.54 -2.28
C PRO A 409 12.11 3.82 -1.67
N PRO A 410 12.81 4.37 -0.73
CA PRO A 410 12.39 5.59 -0.10
C PRO A 410 12.36 6.70 -1.13
N LEU A 411 11.51 7.68 -0.93
CA LEU A 411 11.39 8.80 -1.86
C LEU A 411 12.68 9.60 -1.83
N THR A 412 13.45 9.41 -0.74
CA THR A 412 14.71 10.09 -0.54
C THR A 412 15.86 9.35 -1.17
N VAL A 413 15.57 8.26 -1.84
CA VAL A 413 16.62 7.46 -2.46
C VAL A 413 17.52 8.24 -3.42
N SER A 414 18.83 7.99 -3.38
CA SER A 414 19.77 8.68 -4.26
C SER A 414 19.99 7.98 -5.57
N GLU A 415 20.56 8.73 -6.50
CA GLU A 415 20.88 8.23 -7.83
C GLU A 415 21.79 6.99 -7.71
N ASP A 416 22.78 7.09 -6.83
CA ASP A 416 23.75 6.01 -6.59
C ASP A 416 23.09 4.74 -6.05
N GLU A 417 22.19 4.94 -5.08
CA GLU A 417 21.48 3.84 -4.46
C GLU A 417 20.64 3.10 -5.48
N ILE A 418 20.03 3.86 -6.39
CA ILE A 418 19.21 3.27 -7.45
C ILE A 418 20.10 2.41 -8.33
N ASP A 419 21.26 2.96 -8.62
CA ASP A 419 22.22 2.27 -9.46
C ASP A 419 22.78 1.02 -8.77
N LEU A 420 23.15 1.16 -7.49
CA LEU A 420 23.66 0.05 -6.70
C LEU A 420 22.63 -1.09 -6.66
N GLY A 421 21.39 -0.72 -6.40
CA GLY A 421 20.35 -1.72 -6.37
C GLY A 421 20.19 -2.36 -7.73
N LEU A 422 20.22 -1.55 -8.80
CA LEU A 422 20.06 -2.15 -10.12
C LEU A 422 21.19 -3.16 -10.39
N SER A 423 22.38 -2.79 -9.96
CA SER A 423 23.57 -3.60 -10.10
C SER A 423 23.46 -4.91 -9.34
N LEU A 424 23.20 -4.86 -8.04
CA LEU A 424 23.05 -6.06 -7.24
C LEU A 424 21.98 -7.00 -7.79
N LEU A 425 20.87 -6.43 -8.28
CA LEU A 425 19.76 -7.20 -8.85
C LEU A 425 20.25 -8.00 -10.04
N GLY A 426 20.90 -7.34 -10.97
CA GLY A 426 21.37 -8.08 -12.15
C GLY A 426 22.28 -9.24 -11.77
N GLN A 427 23.20 -8.97 -10.86
CA GLN A 427 24.13 -9.97 -10.40
C GLN A 427 23.36 -11.12 -9.77
N ALA A 428 22.38 -10.77 -8.95
CA ALA A 428 21.61 -11.80 -8.28
C ALA A 428 20.96 -12.73 -9.26
N ILE A 429 20.42 -12.13 -10.30
CA ILE A 429 19.75 -12.92 -11.32
C ILE A 429 20.73 -13.78 -12.06
N GLU A 430 21.84 -13.19 -12.44
CA GLU A 430 22.83 -13.93 -13.17
C GLU A 430 23.30 -15.14 -12.37
N ARG A 431 23.46 -14.92 -11.07
CA ARG A 431 23.87 -15.97 -10.13
C ARG A 431 22.82 -17.04 -9.93
N ALA A 432 21.55 -16.68 -10.10
CA ALA A 432 20.47 -17.62 -9.87
C ALA A 432 20.01 -18.48 -11.03
N LEU A 433 20.62 -18.40 -12.21
CA LEU A 433 20.12 -19.26 -13.27
C LEU A 433 20.67 -20.67 -13.32
NA NA B . -9.33 18.40 -0.02
NA NA C . -6.33 10.34 22.05
N1 PLP D . -4.55 -1.33 2.84
C2 PLP D . -3.49 -1.50 2.03
C2A PLP D . -3.67 -1.26 0.54
C3 PLP D . -2.26 -1.90 2.67
O3 PLP D . -1.20 -2.08 1.86
C4 PLP D . -2.20 -2.10 4.05
C4A PLP D . -0.96 -2.55 4.66
C5 PLP D . -3.41 -1.85 4.79
C6 PLP D . -4.56 -1.48 4.17
C5A PLP D . -3.49 -2.10 6.31
O4P PLP D . -2.39 -1.61 7.09
P PLP D . -2.13 -2.23 8.55
O1P PLP D . -1.32 -3.44 8.33
O2P PLP D . -1.45 -1.25 9.39
O3P PLP D . -3.45 -2.60 9.31
O1 MES E . -0.06 -12.01 1.53
C2 MES E . 0.26 -11.39 0.30
C3 MES E . 1.22 -10.24 0.57
N4 MES E . 0.59 -9.28 1.43
C5 MES E . 0.16 -9.93 2.66
C6 MES E . -0.75 -11.08 2.33
C7 MES E . 1.54 -8.22 1.75
C8 MES E . 0.92 -7.25 2.71
S MES E . 1.53 -5.62 2.40
O1S MES E . 2.98 -5.70 2.61
O2S MES E . 0.90 -4.72 3.37
O3S MES E . 1.19 -5.26 1.02
#